data_1A75
#
_entry.id   1A75
#
_cell.length_a   34.730
_cell.length_b   27.590
_cell.length_c   98.510
_cell.angle_alpha   90.00
_cell.angle_beta   91.49
_cell.angle_gamma   90.00
#
_symmetry.space_group_name_H-M   'P 1 21 1'
#
loop_
_entity.id
_entity.type
_entity.pdbx_description
1 polymer PARVALBUMIN
2 polymer PARVALBUMIN
3 non-polymer 'CALCIUM ION'
4 water water
#
loop_
_entity_poly.entity_id
_entity_poly.type
_entity_poly.pdbx_seq_one_letter_code
_entity_poly.pdbx_strand_id
1 'polypeptide(L)'
;AFAGILADADCAAAVKACEAADSFSYKAFFAKCGLSGKSADDIKKAFVFIDQDKSGFIEEDELKLFLQVFKAGARALTDA
ETKAFLKAGDSDGDGAIGVEEWVALVKA
;
A
2 'polypeptide(L)'
;(ACE)AFAGILADADCAAAVKACEAADSFSYKAFFAKCGLSGKSADDIKKAFVFIDQDKSGFIEEDELKLFLQVFKAGAR
ALTDAETKAFLKAGDSDGDGAIGVEEWVALVKA
;
B
#
# COMPACT_ATOMS: atom_id res chain seq x y z
N ALA A 3 4.58 -16.88 12.02
CA ALA A 3 3.49 -17.65 11.44
C ALA A 3 2.41 -17.93 12.47
N GLY A 4 1.15 -17.77 12.09
CA GLY A 4 0.05 -17.98 13.03
C GLY A 4 -0.16 -16.74 13.88
N ILE A 5 0.39 -15.61 13.44
CA ILE A 5 0.28 -14.37 14.22
C ILE A 5 -1.15 -13.87 14.29
N LEU A 6 -1.95 -14.16 13.26
CA LEU A 6 -3.37 -13.79 13.28
C LEU A 6 -4.28 -14.95 13.62
N ALA A 7 -3.75 -15.92 14.37
CA ALA A 7 -4.53 -17.12 14.64
C ALA A 7 -5.56 -16.90 15.76
N ASP A 8 -6.72 -17.42 15.45
CA ASP A 8 -7.85 -17.54 16.35
C ASP A 8 -8.65 -18.76 15.91
N ALA A 9 -9.51 -19.25 16.77
CA ALA A 9 -10.34 -20.41 16.52
C ALA A 9 -10.99 -20.41 15.15
N ASP A 10 -11.69 -19.32 14.82
CA ASP A 10 -12.38 -19.29 13.52
C ASP A 10 -11.40 -19.45 12.38
N CYS A 11 -10.43 -18.54 12.29
CA CYS A 11 -9.50 -18.59 11.15
C CYS A 11 -8.65 -19.84 11.20
N ALA A 12 -8.46 -20.44 12.38
CA ALA A 12 -7.76 -21.73 12.42
C ALA A 12 -8.64 -22.80 11.77
N ALA A 13 -9.91 -22.76 12.10
CA ALA A 13 -10.91 -23.63 11.49
C ALA A 13 -11.03 -23.43 9.98
N ALA A 14 -10.80 -22.21 9.50
CA ALA A 14 -10.90 -22.01 8.05
C ALA A 14 -9.70 -22.71 7.40
N VAL A 15 -8.53 -22.52 8.02
CA VAL A 15 -7.31 -23.11 7.52
C VAL A 15 -7.47 -24.63 7.47
N LYS A 16 -7.83 -25.23 8.59
CA LYS A 16 -8.12 -26.65 8.66
C LYS A 16 -9.08 -27.10 7.56
N ALA A 17 -10.02 -26.26 7.14
CA ALA A 17 -11.04 -26.67 6.18
C ALA A 17 -10.48 -26.82 4.76
N CYS A 18 -9.36 -26.19 4.46
CA CYS A 18 -8.71 -26.30 3.17
C CYS A 18 -7.30 -26.86 3.32
N GLU A 19 -7.16 -27.85 4.21
CA GLU A 19 -5.86 -28.44 4.49
C GLU A 19 -5.25 -29.06 3.26
N ALA A 20 -6.10 -29.63 2.40
CA ALA A 20 -5.63 -30.34 1.22
C ALA A 20 -5.32 -29.36 0.09
N ALA A 21 -4.29 -29.69 -0.71
CA ALA A 21 -3.90 -28.80 -1.81
C ALA A 21 -5.04 -28.63 -2.82
N ASP A 22 -5.25 -27.39 -3.24
CA ASP A 22 -6.27 -27.06 -4.23
C ASP A 22 -7.68 -27.15 -3.69
N SER A 23 -7.86 -26.90 -2.40
CA SER A 23 -9.19 -26.98 -1.79
C SER A 23 -9.71 -25.61 -1.39
N PHE A 24 -8.83 -24.62 -1.54
CA PHE A 24 -9.08 -23.29 -1.02
C PHE A 24 -9.86 -22.42 -2.01
N SER A 25 -10.78 -21.65 -1.48
CA SER A 25 -11.41 -20.55 -2.22
C SER A 25 -11.66 -19.40 -1.24
N TYR A 26 -11.28 -18.18 -1.64
CA TYR A 26 -11.25 -17.08 -0.67
C TYR A 26 -12.62 -16.74 -0.09
N LYS A 27 -13.70 -16.96 -0.84
CA LYS A 27 -15.01 -16.63 -0.27
C LYS A 27 -15.33 -17.56 0.89
N ALA A 28 -15.09 -18.86 0.69
CA ALA A 28 -15.38 -19.82 1.75
C ALA A 28 -14.53 -19.57 2.99
N PHE A 29 -13.25 -19.27 2.77
CA PHE A 29 -12.34 -18.99 3.87
C PHE A 29 -12.87 -17.85 4.74
N PHE A 30 -13.12 -16.71 4.11
CA PHE A 30 -13.50 -15.50 4.81
C PHE A 30 -14.89 -15.60 5.41
N ALA A 31 -15.75 -16.48 4.88
CA ALA A 31 -17.03 -16.71 5.55
C ALA A 31 -16.79 -17.31 6.94
N LYS A 32 -15.75 -18.12 7.03
CA LYS A 32 -15.41 -18.81 8.28
C LYS A 32 -14.52 -17.91 9.13
N CYS A 33 -13.47 -17.39 8.49
CA CYS A 33 -12.60 -16.42 9.13
C CYS A 33 -13.23 -15.03 9.08
N GLY A 34 -13.96 -14.66 10.14
CA GLY A 34 -14.67 -13.41 10.18
C GLY A 34 -13.86 -12.15 10.11
N LEU A 35 -12.94 -12.02 9.14
CA LEU A 35 -12.14 -10.81 9.04
C LEU A 35 -12.99 -9.61 8.67
N SER A 36 -13.89 -9.74 7.70
CA SER A 36 -14.75 -8.64 7.28
C SER A 36 -15.48 -7.97 8.45
N GLY A 37 -15.76 -8.73 9.49
CA GLY A 37 -16.52 -8.25 10.62
C GLY A 37 -15.73 -7.31 11.51
N LYS A 38 -14.44 -7.16 11.21
CA LYS A 38 -13.55 -6.36 12.05
C LYS A 38 -13.56 -4.89 11.66
N SER A 39 -12.89 -4.08 12.48
CA SER A 39 -12.75 -2.66 12.24
C SER A 39 -11.96 -2.39 10.97
N ALA A 40 -12.24 -1.26 10.31
CA ALA A 40 -11.53 -0.95 9.07
C ALA A 40 -10.02 -0.88 9.31
N ASP A 41 -9.64 -0.47 10.51
CA ASP A 41 -8.26 -0.41 10.95
C ASP A 41 -7.69 -1.82 11.11
N ASP A 42 -8.51 -2.70 11.67
CA ASP A 42 -8.14 -4.08 11.91
C ASP A 42 -8.10 -4.86 10.60
N ILE A 43 -8.86 -4.43 9.60
CA ILE A 43 -8.77 -5.08 8.29
C ILE A 43 -7.51 -4.65 7.55
N LYS A 44 -7.13 -3.38 7.71
CA LYS A 44 -5.90 -2.88 7.10
C LYS A 44 -4.68 -3.52 7.75
N LYS A 45 -4.75 -3.73 9.07
CA LYS A 45 -3.64 -4.35 9.79
C LYS A 45 -3.35 -5.72 9.23
N ALA A 46 -4.40 -6.49 8.93
CA ALA A 46 -4.23 -7.79 8.29
C ALA A 46 -3.55 -7.69 6.94
N PHE A 47 -3.93 -6.67 6.17
CA PHE A 47 -3.29 -6.38 4.89
C PHE A 47 -1.79 -6.16 5.06
N VAL A 48 -1.39 -5.33 6.03
CA VAL A 48 0.03 -5.08 6.24
C VAL A 48 0.73 -6.31 6.79
N PHE A 49 0.02 -7.17 7.53
CA PHE A 49 0.64 -8.43 7.96
C PHE A 49 1.05 -9.27 6.75
N ILE A 50 0.13 -9.32 5.79
CA ILE A 50 0.32 -10.16 4.61
C ILE A 50 1.33 -9.56 3.63
N ASP A 51 1.37 -8.24 3.56
CA ASP A 51 2.34 -7.51 2.75
C ASP A 51 3.74 -7.69 3.32
N GLN A 52 4.24 -8.92 3.32
CA GLN A 52 5.49 -9.22 4.00
C GLN A 52 6.68 -8.39 3.53
N ASP A 53 6.74 -7.94 2.27
CA ASP A 53 7.88 -7.10 1.86
C ASP A 53 7.63 -5.61 2.05
N LYS A 54 6.49 -5.24 2.63
CA LYS A 54 6.19 -3.83 2.87
C LYS A 54 6.18 -3.00 1.58
N SER A 55 5.63 -3.51 0.49
CA SER A 55 5.60 -2.73 -0.75
C SER A 55 4.43 -1.76 -0.75
N GLY A 56 3.50 -1.97 0.17
CA GLY A 56 2.25 -1.23 0.19
C GLY A 56 1.19 -1.99 -0.60
N PHE A 57 1.61 -3.11 -1.17
CA PHE A 57 0.78 -3.93 -2.02
C PHE A 57 1.00 -5.40 -1.67
N ILE A 58 -0.03 -6.22 -1.82
CA ILE A 58 0.17 -7.66 -1.67
C ILE A 58 0.40 -8.25 -3.07
N GLU A 59 1.57 -8.84 -3.26
CA GLU A 59 1.90 -9.52 -4.50
C GLU A 59 1.54 -11.00 -4.45
N GLU A 60 1.51 -11.63 -5.62
CA GLU A 60 1.12 -13.04 -5.69
C GLU A 60 1.99 -13.90 -4.79
N ASP A 61 3.23 -13.48 -4.55
CA ASP A 61 4.15 -14.30 -3.76
C ASP A 61 3.72 -14.32 -2.30
N GLU A 62 3.15 -13.21 -1.83
CA GLU A 62 2.68 -13.12 -0.46
C GLU A 62 1.32 -13.80 -0.35
N LEU A 63 0.54 -13.69 -1.43
CA LEU A 63 -0.73 -14.39 -1.51
C LEU A 63 -0.55 -15.88 -1.26
N LYS A 64 0.52 -16.38 -1.86
CA LYS A 64 0.91 -17.77 -1.71
C LYS A 64 0.95 -18.19 -0.25
N LEU A 65 1.37 -17.27 0.60
CA LEU A 65 1.64 -17.59 2.00
C LEU A 65 0.49 -17.17 2.91
N PHE A 66 -0.63 -16.82 2.32
CA PHE A 66 -1.81 -16.34 3.04
C PHE A 66 -2.25 -17.23 4.20
N LEU A 67 -2.28 -18.55 4.02
CA LEU A 67 -2.72 -19.45 5.08
C LEU A 67 -1.83 -19.38 6.32
N GLN A 68 -0.52 -19.26 6.12
CA GLN A 68 0.44 -19.28 7.23
C GLN A 68 0.23 -18.11 8.18
N VAL A 69 -0.35 -17.03 7.68
CA VAL A 69 -0.65 -15.86 8.50
C VAL A 69 -1.69 -16.18 9.57
N PHE A 70 -2.61 -17.10 9.24
CA PHE A 70 -3.66 -17.47 10.19
C PHE A 70 -3.29 -18.72 10.98
N LYS A 71 -2.34 -19.54 10.50
CA LYS A 71 -1.88 -20.64 11.34
C LYS A 71 -0.50 -21.16 10.95
N ALA A 72 0.24 -21.48 11.98
CA ALA A 72 1.58 -21.99 11.98
C ALA A 72 1.68 -23.36 11.32
N GLY A 73 2.63 -23.51 10.41
CA GLY A 73 2.84 -24.80 9.75
C GLY A 73 1.80 -25.02 8.67
N ALA A 74 1.00 -23.99 8.38
CA ALA A 74 0.02 -24.08 7.31
C ALA A 74 0.72 -24.32 5.97
N ARG A 75 -0.04 -24.86 5.02
CA ARG A 75 0.49 -25.14 3.70
C ARG A 75 0.53 -23.87 2.87
N ALA A 76 1.46 -23.78 1.93
CA ALA A 76 1.42 -22.67 0.97
C ALA A 76 0.26 -22.94 0.01
N LEU A 77 -0.33 -21.90 -0.55
CA LEU A 77 -1.38 -22.05 -1.55
C LEU A 77 -0.78 -22.63 -2.81
N THR A 78 -1.48 -23.49 -3.56
CA THR A 78 -0.86 -23.95 -4.82
C THR A 78 -0.81 -22.80 -5.81
N ASP A 79 0.00 -22.91 -6.85
CA ASP A 79 0.05 -21.86 -7.86
C ASP A 79 -1.34 -21.58 -8.42
N ALA A 80 -2.16 -22.63 -8.66
CA ALA A 80 -3.47 -22.38 -9.25
C ALA A 80 -4.38 -21.65 -8.27
N GLU A 81 -4.24 -21.97 -6.98
CA GLU A 81 -5.01 -21.28 -5.94
C GLU A 81 -4.65 -19.80 -5.87
N THR A 82 -3.35 -19.57 -5.80
CA THR A 82 -2.82 -18.21 -5.73
C THR A 82 -3.27 -17.42 -6.94
N LYS A 83 -3.27 -18.08 -8.11
CA LYS A 83 -3.74 -17.46 -9.34
C LYS A 83 -5.20 -17.00 -9.26
N ALA A 84 -6.07 -17.84 -8.71
CA ALA A 84 -7.50 -17.59 -8.70
C ALA A 84 -7.88 -16.51 -7.71
N PHE A 85 -7.16 -16.52 -6.60
CA PHE A 85 -7.39 -15.54 -5.54
C PHE A 85 -6.89 -14.18 -6.02
N LEU A 86 -5.70 -14.12 -6.61
CA LEU A 86 -5.24 -12.85 -7.17
C LEU A 86 -6.24 -12.29 -8.17
N LYS A 87 -6.70 -13.13 -9.10
CA LYS A 87 -7.59 -12.62 -10.15
C LYS A 87 -8.85 -12.01 -9.55
N ALA A 88 -9.34 -12.62 -8.48
CA ALA A 88 -10.60 -12.19 -7.88
C ALA A 88 -10.43 -10.83 -7.22
N GLY A 89 -9.30 -10.61 -6.56
CA GLY A 89 -9.02 -9.40 -5.83
C GLY A 89 -8.45 -8.26 -6.64
N ASP A 90 -7.75 -8.55 -7.72
CA ASP A 90 -7.06 -7.53 -8.49
C ASP A 90 -7.96 -6.92 -9.56
N SER A 91 -8.74 -5.89 -9.21
CA SER A 91 -9.68 -5.33 -10.17
C SER A 91 -9.00 -4.38 -11.15
N ASP A 92 -7.97 -3.65 -10.71
CA ASP A 92 -7.36 -2.68 -11.63
C ASP A 92 -6.32 -3.35 -12.51
N GLY A 93 -6.03 -4.61 -12.23
CA GLY A 93 -5.29 -5.45 -13.14
C GLY A 93 -3.80 -5.25 -13.19
N ASP A 94 -3.20 -4.67 -12.14
CA ASP A 94 -1.76 -4.48 -12.09
C ASP A 94 -1.04 -5.72 -11.59
N GLY A 95 -1.80 -6.78 -11.29
CA GLY A 95 -1.24 -8.01 -10.79
C GLY A 95 -0.94 -7.96 -9.30
N ALA A 96 -1.54 -6.97 -8.62
CA ALA A 96 -1.35 -6.87 -7.17
C ALA A 96 -2.66 -6.50 -6.49
N ILE A 97 -2.69 -6.72 -5.18
CA ILE A 97 -3.82 -6.35 -4.35
C ILE A 97 -3.50 -5.14 -3.47
N GLY A 98 -4.19 -4.02 -3.71
CA GLY A 98 -4.02 -2.82 -2.92
C GLY A 98 -4.98 -2.82 -1.74
N VAL A 99 -4.76 -1.94 -0.78
CA VAL A 99 -5.51 -1.88 0.46
C VAL A 99 -7.02 -1.74 0.23
N GLU A 100 -7.40 -1.03 -0.82
CA GLU A 100 -8.78 -0.88 -1.22
C GLU A 100 -9.33 -2.18 -1.83
N GLU A 101 -8.47 -2.85 -2.57
CA GLU A 101 -8.84 -4.11 -3.22
C GLU A 101 -8.95 -5.19 -2.15
N TRP A 102 -8.04 -5.12 -1.18
CA TRP A 102 -8.14 -5.94 0.02
C TRP A 102 -9.50 -5.75 0.67
N VAL A 103 -9.83 -4.52 1.05
CA VAL A 103 -11.09 -4.28 1.78
C VAL A 103 -12.29 -4.80 1.00
N ALA A 104 -12.24 -4.72 -0.34
CA ALA A 104 -13.34 -5.21 -1.14
C ALA A 104 -13.42 -6.74 -1.06
N LEU A 105 -12.27 -7.38 -1.10
CA LEU A 105 -12.09 -8.82 -1.25
C LEU A 105 -12.53 -9.61 -0.03
N VAL A 106 -12.31 -8.97 1.10
CA VAL A 106 -12.63 -9.51 2.41
C VAL A 106 -14.14 -9.69 2.58
N LYS A 107 -14.93 -8.89 1.86
CA LYS A 107 -16.37 -8.83 2.08
C LYS A 107 -17.11 -10.09 1.65
N ALA A 108 -18.25 -10.31 2.31
CA ALA A 108 -19.09 -11.46 2.02
C ALA A 108 -19.64 -11.42 0.60
N ALA B 2 -7.73 3.71 2.58
CA ALA B 2 -6.86 4.88 2.65
C ALA B 2 -5.41 4.54 2.33
N PHE B 3 -4.74 5.49 1.70
CA PHE B 3 -3.32 5.39 1.40
C PHE B 3 -2.50 5.83 2.61
N ALA B 4 -3.17 5.98 3.77
CA ALA B 4 -2.48 6.43 4.96
C ALA B 4 -1.36 5.44 5.30
N GLY B 5 -0.17 5.98 5.34
CA GLY B 5 1.07 5.31 5.59
C GLY B 5 1.28 4.04 4.81
N ILE B 6 0.66 3.93 3.63
CA ILE B 6 0.80 2.73 2.81
C ILE B 6 2.29 2.49 2.54
N LEU B 7 2.99 3.59 2.34
CA LEU B 7 4.42 3.51 2.04
C LEU B 7 5.28 3.90 3.23
N ALA B 8 4.78 3.77 4.46
CA ALA B 8 5.62 4.12 5.62
C ALA B 8 6.80 3.17 5.81
N ASP B 9 7.88 3.71 6.36
CA ASP B 9 9.03 2.94 6.81
C ASP B 9 9.87 3.77 7.78
N ALA B 10 10.97 3.27 8.31
CA ALA B 10 11.76 4.01 9.29
C ALA B 10 12.20 5.37 8.76
N ASP B 11 12.85 5.37 7.60
CA ASP B 11 13.37 6.61 7.03
C ASP B 11 12.27 7.59 6.67
N CYS B 12 11.28 7.14 5.89
CA CYS B 12 10.27 8.11 5.42
C CYS B 12 9.42 8.64 6.57
N ALA B 13 9.17 7.80 7.58
CA ALA B 13 8.49 8.28 8.78
C ALA B 13 9.33 9.32 9.52
N ALA B 14 10.65 9.10 9.56
CA ALA B 14 11.51 10.09 10.21
C ALA B 14 11.53 11.38 9.38
N ALA B 15 11.38 11.25 8.07
CA ALA B 15 11.35 12.41 7.18
C ALA B 15 10.09 13.21 7.44
N VAL B 16 9.01 12.48 7.77
CA VAL B 16 7.74 13.15 8.05
C VAL B 16 7.78 13.85 9.41
N LYS B 17 8.36 13.15 10.39
CA LYS B 17 8.47 13.72 11.73
C LYS B 17 9.27 15.01 11.67
N ALA B 18 10.33 15.02 10.86
CA ALA B 18 11.22 16.17 10.80
C ALA B 18 10.52 17.43 10.31
N CYS B 19 9.35 17.31 9.68
CA CYS B 19 8.66 18.50 9.19
C CYS B 19 7.26 18.60 9.77
N GLU B 20 7.15 18.28 11.07
CA GLU B 20 5.84 18.21 11.71
C GLU B 20 5.09 19.53 11.71
N ALA B 21 5.84 20.61 11.95
CA ALA B 21 5.26 21.94 12.00
C ALA B 21 5.05 22.50 10.59
N ALA B 22 3.95 23.22 10.42
CA ALA B 22 3.56 23.78 9.14
C ALA B 22 4.61 24.75 8.58
N ASP B 23 4.89 24.59 7.29
CA ASP B 23 5.87 25.41 6.58
C ASP B 23 7.30 25.03 6.92
N SER B 24 7.52 23.77 7.32
CA SER B 24 8.89 23.34 7.60
C SER B 24 9.35 22.31 6.59
N PHE B 25 8.42 21.99 5.69
CA PHE B 25 8.66 21.01 4.65
C PHE B 25 9.37 21.59 3.43
N SER B 26 10.30 20.82 2.89
CA SER B 26 10.86 21.07 1.57
C SER B 26 11.14 19.72 0.88
N TYR B 27 10.67 19.56 -0.36
CA TYR B 27 10.71 18.23 -0.98
C TYR B 27 12.12 17.67 -1.06
N LYS B 28 13.12 18.51 -1.33
CA LYS B 28 14.45 17.95 -1.61
C LYS B 28 14.97 17.30 -0.33
N ALA B 29 14.81 18.03 0.77
CA ALA B 29 15.24 17.55 2.07
C ALA B 29 14.43 16.34 2.51
N PHE B 30 13.14 16.35 2.14
CA PHE B 30 12.31 15.20 2.45
C PHE B 30 12.91 13.95 1.78
N PHE B 31 13.03 14.02 0.45
CA PHE B 31 13.36 12.82 -0.31
C PHE B 31 14.74 12.30 0.08
N ALA B 32 15.62 13.20 0.52
CA ALA B 32 16.98 12.76 0.86
C ALA B 32 16.95 11.80 2.04
N LYS B 33 16.01 12.03 2.95
CA LYS B 33 15.96 11.25 4.18
C LYS B 33 15.09 10.00 4.02
N CYS B 34 13.98 10.18 3.33
CA CYS B 34 13.03 9.11 3.02
C CYS B 34 13.72 8.06 2.16
N GLY B 35 14.63 8.52 1.31
CA GLY B 35 15.41 7.62 0.48
C GLY B 35 14.72 7.25 -0.80
N LEU B 36 13.73 8.03 -1.23
CA LEU B 36 13.08 7.74 -2.51
C LEU B 36 14.05 8.05 -3.65
N SER B 37 14.92 9.04 -3.42
CA SER B 37 15.94 9.39 -4.40
C SER B 37 16.77 8.16 -4.76
N GLY B 38 17.12 7.36 -3.75
CA GLY B 38 17.91 6.16 -3.98
C GLY B 38 17.04 4.94 -4.23
N LYS B 39 15.81 5.17 -4.68
CA LYS B 39 14.89 4.06 -4.93
C LYS B 39 14.89 3.67 -6.42
N SER B 40 14.40 2.48 -6.71
CA SER B 40 14.40 1.97 -8.09
C SER B 40 13.38 2.71 -8.95
N ALA B 41 13.56 2.69 -10.28
CA ALA B 41 12.62 3.37 -11.16
C ALA B 41 11.20 2.86 -10.94
N ASP B 42 11.13 1.59 -10.58
CA ASP B 42 9.84 0.94 -10.33
C ASP B 42 9.23 1.40 -9.01
N ASP B 43 10.05 1.40 -7.97
CA ASP B 43 9.64 1.88 -6.65
C ASP B 43 9.19 3.34 -6.72
N ILE B 44 9.72 4.06 -7.71
CA ILE B 44 9.44 5.46 -7.92
C ILE B 44 8.07 5.68 -8.58
N LYS B 45 7.72 4.76 -9.44
CA LYS B 45 6.48 4.72 -10.19
C LYS B 45 5.35 4.19 -9.30
N LYS B 46 5.72 3.28 -8.41
CA LYS B 46 4.80 2.85 -7.36
C LYS B 46 4.37 4.08 -6.58
N ALA B 47 5.34 4.88 -6.14
CA ALA B 47 5.02 6.08 -5.35
C ALA B 47 4.08 7.00 -6.14
N PHE B 48 4.39 7.14 -7.42
CA PHE B 48 3.57 7.93 -8.32
C PHE B 48 2.17 7.37 -8.41
N VAL B 49 2.03 6.05 -8.61
CA VAL B 49 0.67 5.49 -8.75
C VAL B 49 -0.10 5.58 -7.45
N PHE B 50 0.61 5.52 -6.31
CA PHE B 50 -0.13 5.62 -5.03
C PHE B 50 -0.58 7.05 -4.83
N ILE B 51 0.28 8.00 -5.23
CA ILE B 51 -0.05 9.41 -4.98
C ILE B 51 -1.08 9.95 -5.96
N ASP B 52 -1.05 9.47 -7.19
CA ASP B 52 -2.07 9.82 -8.18
C ASP B 52 -3.39 9.16 -7.81
N GLN B 53 -3.99 9.58 -6.71
CA GLN B 53 -5.17 8.90 -6.18
C GLN B 53 -6.33 8.83 -7.16
N ASP B 54 -6.39 9.68 -8.18
CA ASP B 54 -7.58 9.65 -9.03
C ASP B 54 -7.30 9.09 -10.41
N LYS B 55 -6.13 8.49 -10.63
CA LYS B 55 -5.87 7.86 -11.94
C LYS B 55 -5.97 8.82 -13.11
N SER B 56 -5.56 10.08 -12.91
CA SER B 56 -5.59 11.04 -14.01
C SER B 56 -4.31 11.00 -14.82
N GLY B 57 -3.35 10.22 -14.36
CA GLY B 57 -2.05 10.08 -15.01
C GLY B 57 -1.06 11.12 -14.52
N PHE B 58 -1.60 12.10 -13.79
CA PHE B 58 -0.85 13.24 -13.32
C PHE B 58 -1.07 13.42 -11.82
N ILE B 59 -0.07 14.01 -11.15
CA ILE B 59 -0.23 14.39 -9.76
C ILE B 59 -0.65 15.85 -9.70
N GLU B 60 -1.82 16.10 -9.14
CA GLU B 60 -2.32 17.47 -8.99
C GLU B 60 -2.00 18.00 -7.59
N GLU B 61 -2.11 19.29 -7.44
CA GLU B 61 -1.82 19.99 -6.19
C GLU B 61 -2.51 19.38 -4.97
N ASP B 62 -3.77 18.98 -5.14
CA ASP B 62 -4.56 18.41 -4.06
C ASP B 62 -3.97 17.10 -3.59
N GLU B 63 -3.37 16.34 -4.52
CA GLU B 63 -2.74 15.07 -4.12
C GLU B 63 -1.40 15.34 -3.44
N LEU B 64 -0.73 16.36 -3.92
CA LEU B 64 0.55 16.79 -3.36
C LEU B 64 0.36 17.12 -1.88
N LYS B 65 -0.76 17.81 -1.61
CA LYS B 65 -1.04 18.30 -0.27
C LYS B 65 -1.12 17.16 0.74
N LEU B 66 -1.56 16.01 0.24
CA LEU B 66 -1.70 14.83 1.11
C LEU B 66 -0.47 13.94 1.09
N PHE B 67 0.61 14.45 0.51
CA PHE B 67 1.85 13.70 0.31
C PHE B 67 2.38 13.03 1.57
N LEU B 68 2.45 13.76 2.68
CA LEU B 68 3.04 13.21 3.90
C LEU B 68 2.25 12.01 4.42
N GLN B 69 0.95 12.00 4.21
CA GLN B 69 0.10 10.90 4.69
C GLN B 69 0.36 9.60 3.95
N VAL B 70 1.02 9.70 2.80
CA VAL B 70 1.43 8.51 2.05
C VAL B 70 2.54 7.76 2.77
N PHE B 71 3.43 8.54 3.40
CA PHE B 71 4.60 7.97 4.06
C PHE B 71 4.41 7.83 5.56
N LYS B 72 3.41 8.47 6.13
CA LYS B 72 3.09 8.25 7.54
C LYS B 72 1.61 8.51 7.84
N ALA B 73 1.00 7.49 8.40
CA ALA B 73 -0.41 7.40 8.73
C ALA B 73 -1.05 8.67 9.25
N GLY B 74 -0.58 9.28 10.35
CA GLY B 74 -1.32 10.43 10.87
C GLY B 74 -0.77 11.77 10.45
N ALA B 75 -0.18 11.88 9.25
CA ALA B 75 0.57 13.08 8.93
C ALA B 75 -0.36 14.25 8.63
N ARG B 76 0.22 15.45 8.65
CA ARG B 76 -0.51 16.66 8.34
C ARG B 76 -0.60 16.87 6.84
N ALA B 77 -1.55 17.69 6.40
CA ALA B 77 -1.55 18.14 5.01
C ALA B 77 -0.43 19.17 4.86
N LEU B 78 0.19 19.27 3.72
CA LEU B 78 1.09 20.35 3.37
C LEU B 78 0.31 21.66 3.35
N THR B 79 0.89 22.79 3.76
CA THR B 79 0.09 24.03 3.73
C THR B 79 -0.10 24.42 2.26
N ASP B 80 -1.01 25.34 1.97
CA ASP B 80 -1.14 25.86 0.61
C ASP B 80 0.21 26.36 0.11
N ALA B 81 0.94 27.07 0.97
CA ALA B 81 2.24 27.61 0.58
C ALA B 81 3.19 26.49 0.16
N GLU B 82 3.24 25.45 0.98
CA GLU B 82 4.16 24.35 0.74
C GLU B 82 3.83 23.63 -0.56
N THR B 83 2.56 23.26 -0.69
CA THR B 83 2.05 22.63 -1.89
C THR B 83 2.46 23.41 -3.14
N LYS B 84 2.41 24.73 -3.07
CA LYS B 84 2.67 25.55 -4.26
C LYS B 84 4.14 25.61 -4.64
N ALA B 85 5.05 25.52 -3.68
CA ALA B 85 6.48 25.55 -4.01
C ALA B 85 6.95 24.18 -4.47
N PHE B 86 6.26 23.17 -3.95
CA PHE B 86 6.49 21.78 -4.36
C PHE B 86 6.09 21.65 -5.83
N LEU B 87 4.87 22.06 -6.14
CA LEU B 87 4.36 21.98 -7.51
C LEU B 87 5.24 22.82 -8.44
N LYS B 88 5.60 24.03 -7.99
CA LYS B 88 6.33 24.94 -8.87
C LYS B 88 7.72 24.40 -9.19
N ALA B 89 8.35 23.75 -8.23
CA ALA B 89 9.67 23.19 -8.44
C ALA B 89 9.61 22.00 -9.39
N GLY B 90 8.54 21.22 -9.33
CA GLY B 90 8.41 20.00 -10.10
C GLY B 90 7.72 20.15 -11.43
N ASP B 91 6.85 21.14 -11.58
CA ASP B 91 6.08 21.30 -12.80
C ASP B 91 6.86 22.02 -13.89
N SER B 92 7.84 21.35 -14.53
CA SER B 92 8.70 22.04 -15.50
C SER B 92 7.97 22.45 -16.76
N ASP B 93 6.99 21.66 -17.21
CA ASP B 93 6.31 22.02 -18.47
C ASP B 93 5.19 23.01 -18.18
N GLY B 94 4.93 23.29 -16.91
CA GLY B 94 4.09 24.39 -16.51
C GLY B 94 2.61 24.23 -16.72
N ASP B 95 2.15 22.98 -16.79
CA ASP B 95 0.74 22.69 -17.02
C ASP B 95 -0.07 22.59 -15.72
N GLY B 96 0.55 22.89 -14.58
CA GLY B 96 -0.17 22.93 -13.32
C GLY B 96 -0.22 21.58 -12.64
N ALA B 97 0.34 20.55 -13.29
CA ALA B 97 0.33 19.22 -12.68
C ALA B 97 1.74 18.63 -12.63
N ILE B 98 1.90 17.50 -11.96
CA ILE B 98 3.15 16.77 -12.01
C ILE B 98 2.92 15.42 -12.69
N GLY B 99 3.46 15.25 -13.89
CA GLY B 99 3.36 13.97 -14.61
C GLY B 99 4.48 13.04 -14.18
N VAL B 100 4.56 11.88 -14.82
CA VAL B 100 5.52 10.85 -14.45
C VAL B 100 6.96 11.25 -14.67
N GLU B 101 7.30 11.96 -15.75
CA GLU B 101 8.69 12.27 -16.05
C GLU B 101 9.24 13.34 -15.09
N GLU B 102 8.36 14.26 -14.75
CA GLU B 102 8.65 15.35 -13.83
C GLU B 102 8.88 14.81 -12.42
N TRP B 103 8.06 13.84 -12.05
CA TRP B 103 8.16 13.18 -10.75
C TRP B 103 9.55 12.57 -10.58
N VAL B 104 9.95 11.71 -11.51
CA VAL B 104 11.23 11.02 -11.38
C VAL B 104 12.39 11.99 -11.31
N ALA B 105 12.30 13.06 -12.09
CA ALA B 105 13.34 14.09 -12.10
C ALA B 105 13.48 14.73 -10.72
N LEU B 106 12.33 14.92 -10.09
CA LEU B 106 12.24 15.51 -8.76
C LEU B 106 12.73 14.57 -7.68
N VAL B 107 12.48 13.28 -7.83
CA VAL B 107 12.95 12.30 -6.84
C VAL B 107 14.47 12.14 -6.93
N LYS B 108 15.01 12.33 -8.12
CA LYS B 108 16.43 12.20 -8.39
C LYS B 108 16.92 13.33 -9.30
N ALA B 109 16.86 14.55 -8.79
CA ALA B 109 17.27 15.71 -9.59
C ALA B 109 18.75 15.66 -9.90
#